data_5XKT
#
_entry.id   5XKT
#
_cell.length_a   83.553
_cell.length_b   49.318
_cell.length_c   129.708
_cell.angle_alpha   90.00
_cell.angle_beta   103.16
_cell.angle_gamma   90.00
#
_symmetry.space_group_name_H-M   'I 1 2 1'
#
loop_
_entity.id
_entity.type
_entity.pdbx_description
1 polymer 'Urease accessory protein UreG'
2 non-polymer 'PHOSPHOAMINOPHOSPHONIC ACID-GUANYLATE ESTER'
3 non-polymer 'NICKEL (II) ION'
4 water water
#
_entity_poly.entity_id   1
_entity_poly.type   'polypeptide(L)'
_entity_poly.pdbx_seq_one_letter_code
;KHPLRVGVGGPVGSGKTALLEALCKAMRDTWQLAVVTNDIYTKEDQRILTEAGTLAPERIVGVETGGCPHTAIREDASMN
LAAVEALSEKFGNLDLIFVESGGDNLSATFSPELADLTIYVIDVAEGEKIPRKGGPGITRSDFLVINKTDLAPYVGASLK
VMASDTQRMRGDRPWTFTNLKQGDGLSTIIAFLEDKGMLG
;
_entity_poly.pdbx_strand_id   A,B
#
loop_
_chem_comp.id
_chem_comp.type
_chem_comp.name
_chem_comp.formula
GNP non-polymer 'PHOSPHOAMINOPHOSPHONIC ACID-GUANYLATE ESTER' 'C10 H17 N6 O13 P3'
NI non-polymer 'NICKEL (II) ION' 'Ni 2'
#
# COMPACT_ATOMS: atom_id res chain seq x y z
N HIS A 2 -13.35 8.01 -29.67
CA HIS A 2 -12.94 8.32 -28.29
C HIS A 2 -12.15 7.18 -27.65
N PRO A 3 -11.12 7.54 -26.90
CA PRO A 3 -10.16 6.53 -26.43
C PRO A 3 -10.71 5.66 -25.32
N LEU A 4 -10.21 4.42 -25.31
CA LEU A 4 -10.43 3.53 -24.20
C LEU A 4 -9.71 4.08 -22.98
N ARG A 5 -10.40 4.12 -21.83
CA ARG A 5 -9.78 4.58 -20.60
C ARG A 5 -9.48 3.37 -19.72
N VAL A 6 -8.21 3.16 -19.41
CA VAL A 6 -7.81 2.00 -18.61
C VAL A 6 -7.31 2.52 -17.27
N GLY A 7 -8.00 2.13 -16.20
CA GLY A 7 -7.59 2.53 -14.86
C GLY A 7 -6.63 1.49 -14.32
N VAL A 8 -5.50 1.95 -13.78
CA VAL A 8 -4.52 1.05 -13.16
C VAL A 8 -4.44 1.42 -11.68
N GLY A 9 -4.88 0.51 -10.80
CA GLY A 9 -4.92 0.75 -9.38
C GLY A 9 -4.13 -0.31 -8.62
N GLY A 10 -4.06 -0.11 -7.31
CA GLY A 10 -3.35 -1.08 -6.49
C GLY A 10 -2.68 -0.43 -5.29
N PRO A 11 -2.22 -1.23 -4.34
CA PRO A 11 -1.53 -0.64 -3.18
C PRO A 11 -0.26 0.10 -3.52
N VAL A 12 0.21 0.88 -2.54
CA VAL A 12 1.47 1.61 -2.72
C VAL A 12 2.60 0.65 -3.11
N GLY A 13 3.33 1.01 -4.17
CA GLY A 13 4.53 0.30 -4.57
C GLY A 13 4.36 -1.04 -5.25
N SER A 14 3.15 -1.41 -5.66
CA SER A 14 2.95 -2.74 -6.22
C SER A 14 3.55 -2.92 -7.62
N GLY A 15 3.79 -1.85 -8.35
CA GLY A 15 4.36 -1.91 -9.70
C GLY A 15 3.50 -1.28 -10.77
N LYS A 16 2.59 -0.37 -10.39
CA LYS A 16 1.68 0.25 -11.37
C LYS A 16 2.46 1.03 -12.43
N THR A 17 3.41 1.87 -11.97
CA THR A 17 4.19 2.70 -12.89
C THR A 17 5.10 1.83 -13.76
N ALA A 18 5.71 0.81 -13.17
CA ALA A 18 6.50 -0.11 -13.98
C ALA A 18 5.65 -0.73 -15.07
N LEU A 19 4.41 -1.08 -14.73
CA LEU A 19 3.51 -1.67 -15.71
C LEU A 19 3.20 -0.68 -16.84
N LEU A 20 2.86 0.58 -16.48
CA LEU A 20 2.59 1.58 -17.51
C LEU A 20 3.82 1.82 -18.37
N GLU A 21 5.00 1.91 -17.76
CA GLU A 21 6.19 2.12 -18.57
C GLU A 21 6.35 1.02 -19.61
N ALA A 22 6.20 -0.23 -19.18
CA ALA A 22 6.43 -1.34 -20.11
C ALA A 22 5.34 -1.42 -21.17
N LEU A 23 4.08 -1.20 -20.76
CA LEU A 23 2.99 -1.19 -21.73
C LEU A 23 3.17 -0.07 -22.75
N CYS A 24 3.56 1.12 -22.28
CA CYS A 24 3.73 2.22 -23.21
C CYS A 24 4.83 1.93 -24.21
N LYS A 25 5.96 1.44 -23.73
CA LYS A 25 7.07 1.14 -24.64
C LYS A 25 6.71 0.05 -25.62
N ALA A 26 5.88 -0.92 -25.21
CA ALA A 26 5.54 -2.01 -26.12
C ALA A 26 4.41 -1.68 -27.09
N MET A 27 3.47 -0.81 -26.70
CA MET A 27 2.26 -0.58 -27.48
C MET A 27 2.28 0.72 -28.28
N ARG A 28 3.22 1.62 -28.00
CA ARG A 28 3.10 2.96 -28.56
C ARG A 28 3.36 3.00 -30.08
N ASP A 29 4.02 1.99 -30.63
CA ASP A 29 4.22 2.03 -32.08
C ASP A 29 3.00 1.52 -32.84
N THR A 30 2.09 0.85 -32.16
CA THR A 30 0.87 0.35 -32.78
C THR A 30 -0.34 1.21 -32.47
N TRP A 31 -0.38 1.78 -31.27
CA TRP A 31 -1.55 2.49 -30.75
C TRP A 31 -1.14 3.88 -30.31
N GLN A 32 -2.08 4.82 -30.39
CA GLN A 32 -1.89 6.18 -29.89
C GLN A 32 -2.27 6.20 -28.43
N LEU A 33 -1.32 6.52 -27.56
CA LEU A 33 -1.47 6.39 -26.12
C LEU A 33 -1.28 7.72 -25.43
N ALA A 34 -1.86 7.81 -24.23
CA ALA A 34 -1.52 8.88 -23.29
C ALA A 34 -1.71 8.33 -21.88
N VAL A 35 -1.14 9.05 -20.92
CA VAL A 35 -1.13 8.61 -19.52
C VAL A 35 -1.50 9.79 -18.64
N VAL A 36 -2.36 9.55 -17.65
CA VAL A 36 -2.60 10.47 -16.55
C VAL A 36 -2.09 9.76 -15.30
N THR A 37 -1.11 10.34 -14.61
CA THR A 37 -0.67 9.75 -13.35
C THR A 37 -1.29 10.52 -12.19
N ASN A 38 -1.52 9.80 -11.07
CA ASN A 38 -2.01 10.43 -9.83
C ASN A 38 -1.01 10.14 -8.72
N ASP A 39 -0.81 11.14 -7.86
CA ASP A 39 -0.13 10.93 -6.58
C ASP A 39 -0.75 11.95 -5.64
N ILE A 40 -0.61 11.73 -4.32
CA ILE A 40 -1.30 12.63 -3.40
C ILE A 40 -0.57 13.96 -3.27
N TYR A 41 0.76 13.90 -3.15
CA TYR A 41 1.54 15.07 -2.74
C TYR A 41 2.59 15.52 -3.75
N THR A 42 2.80 14.79 -4.83
CA THR A 42 3.91 15.07 -5.75
C THR A 42 3.44 14.76 -7.16
N LYS A 43 4.28 15.11 -8.13
CA LYS A 43 4.12 14.63 -9.50
C LYS A 43 5.23 13.64 -9.88
N GLU A 44 5.70 12.89 -8.90
CA GLU A 44 6.85 12.02 -9.11
C GLU A 44 6.64 11.03 -10.25
N ASP A 45 5.46 10.39 -10.34
CA ASP A 45 5.33 9.36 -11.37
C ASP A 45 5.26 9.95 -12.76
N GLN A 46 4.74 11.17 -12.89
CA GLN A 46 4.82 11.83 -14.19
C GLN A 46 6.28 12.00 -14.62
N ARG A 47 7.11 12.47 -13.69
CA ARG A 47 8.54 12.66 -13.98
C ARG A 47 9.20 11.33 -14.31
N ILE A 48 8.91 10.27 -13.53
CA ILE A 48 9.54 8.97 -13.80
C ILE A 48 9.20 8.47 -15.20
N LEU A 49 7.91 8.49 -15.57
CA LEU A 49 7.52 8.04 -16.90
C LEU A 49 8.08 8.96 -18.00
N THR A 50 8.13 10.27 -17.77
CA THR A 50 8.67 11.15 -18.80
C THR A 50 10.17 10.93 -18.97
N GLU A 51 10.90 10.88 -17.85
CA GLU A 51 12.35 10.63 -17.92
C GLU A 51 12.69 9.26 -18.48
N ALA A 52 11.84 8.26 -18.26
CA ALA A 52 12.05 6.95 -18.88
C ALA A 52 11.74 6.96 -20.36
N GLY A 53 11.15 8.05 -20.86
CA GLY A 53 10.79 8.12 -22.25
C GLY A 53 9.68 7.18 -22.65
N THR A 54 8.77 6.86 -21.73
CA THR A 54 7.72 5.92 -22.09
C THR A 54 6.85 6.46 -23.18
N LEU A 55 6.54 7.75 -23.12
CA LEU A 55 5.88 8.47 -24.21
C LEU A 55 6.46 9.87 -24.26
N ALA A 56 6.15 10.59 -25.33
CA ALA A 56 6.54 11.99 -25.42
C ALA A 56 6.00 12.77 -24.22
N PRO A 57 6.71 13.79 -23.74
CA PRO A 57 6.27 14.48 -22.50
C PRO A 57 4.83 15.01 -22.56
N GLU A 58 4.39 15.54 -23.71
CA GLU A 58 3.03 16.10 -23.74
C GLU A 58 1.93 15.05 -23.69
N ARG A 59 2.28 13.77 -23.78
CA ARG A 59 1.34 12.69 -23.61
C ARG A 59 1.24 12.19 -22.18
N ILE A 60 1.99 12.74 -21.25
CA ILE A 60 1.98 12.27 -19.87
C ILE A 60 1.64 13.46 -19.00
N VAL A 61 0.54 13.35 -18.26
CA VAL A 61 0.04 14.46 -17.43
C VAL A 61 -0.01 13.95 -15.99
N GLY A 62 0.40 14.80 -15.04
CA GLY A 62 0.31 14.48 -13.62
C GLY A 62 -0.79 15.25 -12.92
N VAL A 63 -1.51 14.57 -12.04
CA VAL A 63 -2.56 15.16 -11.22
C VAL A 63 -2.16 14.91 -9.78
N GLU A 64 -2.14 15.96 -8.98
CA GLU A 64 -1.81 15.86 -7.56
C GLU A 64 -3.12 15.98 -6.79
N THR A 65 -3.52 14.89 -6.13
CA THR A 65 -4.89 14.79 -5.67
C THR A 65 -5.14 15.33 -4.26
N GLY A 66 -4.15 15.33 -3.38
CA GLY A 66 -4.46 15.52 -1.96
C GLY A 66 -5.35 14.36 -1.52
N GLY A 67 -5.56 14.23 -0.24
CA GLY A 67 -6.55 13.24 0.20
C GLY A 67 -6.36 11.83 -0.33
N CYS A 68 -7.46 11.10 -0.34
CA CYS A 68 -7.36 9.67 -0.71
C CYS A 68 -7.28 9.52 -2.22
N PRO A 69 -6.41 8.63 -2.72
CA PRO A 69 -6.42 8.34 -4.15
C PRO A 69 -7.75 7.86 -4.65
N HIS A 70 -8.50 7.08 -3.86
CA HIS A 70 -9.76 6.57 -4.38
C HIS A 70 -10.77 7.70 -4.62
N THR A 71 -10.69 8.80 -3.86
CA THR A 71 -11.58 9.92 -4.13
C THR A 71 -11.40 10.44 -5.54
N ALA A 72 -10.16 10.51 -6.00
CA ALA A 72 -9.86 11.07 -7.29
C ALA A 72 -10.25 10.14 -8.42
N ILE A 73 -10.39 8.83 -8.16
CA ILE A 73 -10.75 7.89 -9.22
C ILE A 73 -12.17 7.36 -9.08
N ARG A 74 -12.88 7.68 -7.98
CA ARG A 74 -14.20 7.12 -7.76
C ARG A 74 -15.21 8.14 -7.28
N GLU A 75 -15.08 8.58 -6.01
CA GLU A 75 -16.12 9.45 -5.45
C GLU A 75 -16.20 10.81 -6.13
N ASP A 76 -15.05 11.43 -6.44
CA ASP A 76 -15.02 12.70 -7.18
C ASP A 76 -13.94 12.63 -8.25
N ALA A 77 -14.30 12.12 -9.41
CA ALA A 77 -13.35 11.92 -10.50
C ALA A 77 -13.17 13.15 -11.37
N SER A 78 -13.61 14.33 -10.89
CA SER A 78 -13.68 15.49 -11.79
C SER A 78 -12.33 15.87 -12.37
N MET A 79 -11.29 15.92 -11.53
CA MET A 79 -9.98 16.34 -12.05
C MET A 79 -9.47 15.37 -13.10
N ASN A 80 -9.57 14.06 -12.82
CA ASN A 80 -9.07 13.08 -13.79
C ASN A 80 -9.87 13.14 -15.09
N LEU A 81 -11.19 13.26 -14.99
CA LEU A 81 -11.99 13.41 -16.21
C LEU A 81 -11.61 14.65 -16.98
N ALA A 82 -11.32 15.77 -16.29
CA ALA A 82 -10.91 16.95 -17.04
C ALA A 82 -9.57 16.74 -17.72
N ALA A 83 -8.64 16.07 -17.05
CA ALA A 83 -7.35 15.78 -17.67
C ALA A 83 -7.49 14.85 -18.87
N VAL A 84 -8.35 13.83 -18.76
CA VAL A 84 -8.62 12.97 -19.91
C VAL A 84 -9.24 13.76 -21.05
N GLU A 85 -10.16 14.68 -20.74
CA GLU A 85 -10.75 15.50 -21.79
C GLU A 85 -9.71 16.39 -22.47
N ALA A 86 -8.85 17.05 -21.68
CA ALA A 86 -7.84 17.90 -22.29
C ALA A 86 -6.91 17.09 -23.21
N LEU A 87 -6.54 15.88 -22.80
CA LEU A 87 -5.72 15.03 -23.67
C LEU A 87 -6.46 14.62 -24.94
N SER A 88 -7.71 14.18 -24.80
CA SER A 88 -8.45 13.68 -25.97
C SER A 88 -8.67 14.79 -26.97
N GLU A 89 -8.96 16.00 -26.50
CA GLU A 89 -9.14 17.12 -27.42
C GLU A 89 -7.82 17.54 -28.04
N LYS A 90 -6.73 17.46 -27.28
CA LYS A 90 -5.44 17.86 -27.82
C LYS A 90 -4.96 16.87 -28.89
N PHE A 91 -5.11 15.58 -28.64
CA PHE A 91 -4.52 14.66 -29.60
C PHE A 91 -5.49 14.07 -30.64
N GLY A 92 -6.78 13.99 -30.37
CA GLY A 92 -7.75 13.70 -31.41
C GLY A 92 -7.85 12.27 -31.88
N ASN A 93 -6.73 11.57 -31.98
CA ASN A 93 -6.69 10.22 -32.52
C ASN A 93 -6.23 9.21 -31.47
N LEU A 94 -6.37 9.55 -30.19
CA LEU A 94 -5.91 8.61 -29.16
C LEU A 94 -6.75 7.34 -29.20
N ASP A 95 -6.08 6.20 -28.98
CA ASP A 95 -6.76 4.91 -28.81
C ASP A 95 -6.96 4.54 -27.36
N LEU A 96 -6.03 4.92 -26.49
CA LEU A 96 -6.06 4.41 -25.13
C LEU A 96 -5.41 5.43 -24.22
N ILE A 97 -6.06 5.74 -23.11
CA ILE A 97 -5.49 6.59 -22.08
C ILE A 97 -5.43 5.78 -20.79
N PHE A 98 -4.24 5.67 -20.20
CA PHE A 98 -4.09 5.01 -18.90
C PHE A 98 -4.26 6.03 -17.80
N VAL A 99 -4.85 5.60 -16.68
CA VAL A 99 -4.89 6.45 -15.50
C VAL A 99 -4.30 5.65 -14.36
N GLU A 100 -3.16 6.11 -13.82
CA GLU A 100 -2.56 5.41 -12.66
C GLU A 100 -3.10 6.01 -11.38
N SER A 101 -3.75 5.19 -10.55
CA SER A 101 -4.20 5.71 -9.25
C SER A 101 -3.00 6.00 -8.33
N GLY A 102 -3.21 6.89 -7.35
CA GLY A 102 -2.32 6.89 -6.22
C GLY A 102 -2.43 5.53 -5.53
N GLY A 103 -1.35 5.06 -4.93
CA GLY A 103 -1.43 3.77 -4.24
C GLY A 103 -2.41 3.84 -3.08
N ASP A 104 -3.19 2.76 -2.86
CA ASP A 104 -4.29 2.89 -1.91
C ASP A 104 -4.54 1.62 -1.07
N ASN A 105 -5.61 1.67 -0.29
CA ASN A 105 -6.04 0.53 0.51
C ASN A 105 -6.84 -0.43 -0.38
N LEU A 106 -7.19 -1.59 0.19
CA LEU A 106 -7.78 -2.66 -0.59
C LEU A 106 -9.24 -2.42 -0.94
N SER A 107 -9.87 -1.34 -0.45
CA SER A 107 -11.25 -1.08 -0.86
C SER A 107 -11.36 -0.20 -2.09
N ALA A 108 -10.23 0.25 -2.66
CA ALA A 108 -10.24 1.26 -3.72
C ALA A 108 -10.59 0.65 -5.07
N THR A 109 -11.47 1.33 -5.83
CA THR A 109 -11.74 0.95 -7.22
C THR A 109 -12.03 2.21 -8.03
N PHE A 110 -12.01 2.05 -9.35
CA PHE A 110 -12.38 3.15 -10.25
C PHE A 110 -13.89 3.22 -10.44
N SER A 111 -14.40 4.44 -10.54
CA SER A 111 -15.75 4.65 -11.03
C SER A 111 -15.81 4.23 -12.49
N PRO A 112 -16.90 3.59 -12.92
CA PRO A 112 -17.08 3.30 -14.36
C PRO A 112 -17.14 4.55 -15.22
N GLU A 113 -17.50 5.70 -14.63
CA GLU A 113 -17.48 6.95 -15.40
C GLU A 113 -16.07 7.29 -15.87
N LEU A 114 -15.04 6.92 -15.10
CA LEU A 114 -13.65 7.21 -15.41
C LEU A 114 -12.94 6.07 -16.12
N ALA A 115 -13.16 4.81 -15.73
CA ALA A 115 -12.44 3.70 -16.35
C ALA A 115 -13.39 2.78 -17.11
N ASP A 116 -13.04 2.51 -18.36
CA ASP A 116 -13.74 1.50 -19.17
C ASP A 116 -13.28 0.08 -18.81
N LEU A 117 -11.99 -0.10 -18.52
CA LEU A 117 -11.42 -1.36 -18.06
C LEU A 117 -10.55 -1.07 -16.85
N THR A 118 -10.48 -1.99 -15.91
CA THR A 118 -9.68 -1.79 -14.70
C THR A 118 -8.65 -2.91 -14.58
N ILE A 119 -7.42 -2.52 -14.29
CA ILE A 119 -6.34 -3.42 -13.93
C ILE A 119 -6.00 -3.10 -12.50
N TYR A 120 -5.92 -4.11 -11.65
CA TYR A 120 -5.52 -3.91 -10.28
C TYR A 120 -4.19 -4.64 -10.13
N VAL A 121 -3.21 -3.97 -9.50
CA VAL A 121 -1.86 -4.50 -9.38
C VAL A 121 -1.56 -4.70 -7.90
N ILE A 122 -1.35 -5.95 -7.49
CA ILE A 122 -0.76 -6.24 -6.18
C ILE A 122 0.63 -6.85 -6.38
N ASP A 123 1.36 -7.05 -5.26
CA ASP A 123 2.64 -7.71 -5.45
C ASP A 123 2.95 -8.70 -4.34
N VAL A 124 3.77 -9.68 -4.70
CA VAL A 124 3.99 -10.81 -3.80
C VAL A 124 4.61 -10.37 -2.50
N ALA A 125 5.45 -9.32 -2.53
CA ALA A 125 6.13 -8.94 -1.30
C ALA A 125 5.19 -8.32 -0.28
N GLU A 126 3.96 -7.97 -0.68
CA GLU A 126 2.97 -7.51 0.29
C GLU A 126 2.47 -8.65 1.17
N GLY A 127 2.74 -9.88 0.75
CA GLY A 127 2.41 -11.05 1.52
C GLY A 127 1.57 -12.08 0.77
N GLU A 128 1.84 -13.33 1.11
CA GLU A 128 1.10 -14.46 0.53
C GLU A 128 -0.41 -14.32 0.72
N LYS A 129 -0.82 -13.72 1.83
CA LYS A 129 -2.24 -13.72 2.15
C LYS A 129 -3.02 -12.55 1.52
N ILE A 130 -2.38 -11.68 0.73
CA ILE A 130 -3.08 -10.50 0.23
C ILE A 130 -4.30 -10.88 -0.60
N PRO A 131 -4.23 -11.84 -1.53
CA PRO A 131 -5.48 -12.22 -2.25
C PRO A 131 -6.62 -12.55 -1.30
N ARG A 132 -6.38 -13.28 -0.20
CA ARG A 132 -7.48 -13.61 0.71
C ARG A 132 -8.02 -12.40 1.45
N LYS A 133 -7.22 -11.33 1.60
CA LYS A 133 -7.73 -10.14 2.28
C LYS A 133 -8.73 -9.39 1.44
N GLY A 134 -8.81 -9.68 0.12
CA GLY A 134 -10.06 -9.35 -0.60
C GLY A 134 -10.16 -7.90 -1.01
N GLY A 135 -11.39 -7.50 -1.27
CA GLY A 135 -11.65 -6.19 -1.79
C GLY A 135 -12.00 -6.26 -3.27
N PRO A 136 -12.65 -5.21 -3.79
CA PRO A 136 -13.10 -5.23 -5.20
C PRO A 136 -11.96 -5.18 -6.22
N GLY A 137 -10.79 -4.62 -5.88
CA GLY A 137 -9.66 -4.70 -6.80
C GLY A 137 -9.25 -6.14 -7.05
N ILE A 138 -9.16 -6.94 -5.97
CA ILE A 138 -8.79 -8.35 -6.12
C ILE A 138 -9.95 -9.14 -6.74
N THR A 139 -11.18 -8.91 -6.29
CA THR A 139 -12.25 -9.82 -6.70
C THR A 139 -12.95 -9.39 -7.98
N ARG A 140 -13.01 -8.10 -8.30
CA ARG A 140 -13.88 -7.66 -9.37
C ARG A 140 -13.22 -6.82 -10.46
N SER A 141 -11.94 -6.50 -10.34
CA SER A 141 -11.28 -5.80 -11.44
C SER A 141 -11.38 -6.61 -12.72
N ASP A 142 -11.28 -5.92 -13.86
CA ASP A 142 -11.30 -6.67 -15.13
C ASP A 142 -10.09 -7.59 -15.25
N PHE A 143 -8.95 -7.20 -14.68
CA PHE A 143 -7.74 -8.00 -14.78
C PHE A 143 -6.89 -7.75 -13.56
N LEU A 144 -6.45 -8.80 -12.88
CA LEU A 144 -5.58 -8.66 -11.71
C LEU A 144 -4.15 -9.05 -12.07
N VAL A 145 -3.21 -8.21 -11.69
CA VAL A 145 -1.78 -8.49 -11.88
C VAL A 145 -1.19 -8.75 -10.50
N ILE A 146 -0.50 -9.89 -10.34
CA ILE A 146 0.22 -10.20 -9.12
C ILE A 146 1.69 -10.12 -9.46
N ASN A 147 2.29 -8.99 -9.12
CA ASN A 147 3.62 -8.61 -9.59
C ASN A 147 4.71 -9.05 -8.60
N LYS A 148 5.97 -8.95 -9.06
CA LYS A 148 7.16 -9.24 -8.24
C LYS A 148 7.22 -10.71 -7.79
N THR A 149 6.92 -11.64 -8.68
CA THR A 149 7.06 -13.05 -8.29
C THR A 149 8.49 -13.39 -7.88
N ASP A 150 9.47 -12.63 -8.40
CA ASP A 150 10.85 -12.91 -8.04
C ASP A 150 11.14 -12.63 -6.57
N LEU A 151 10.27 -11.93 -5.89
CA LEU A 151 10.48 -11.71 -4.46
C LEU A 151 9.83 -12.76 -3.58
N ALA A 152 9.07 -13.69 -4.14
CA ALA A 152 8.41 -14.72 -3.32
C ALA A 152 9.35 -15.44 -2.36
N PRO A 153 10.53 -15.92 -2.76
CA PRO A 153 11.36 -16.65 -1.79
C PRO A 153 11.84 -15.81 -0.65
N TYR A 154 11.92 -14.45 -0.79
CA TYR A 154 12.50 -13.63 0.27
C TYR A 154 11.45 -13.27 1.32
N VAL A 155 10.17 -13.23 0.95
CA VAL A 155 9.13 -12.97 1.93
C VAL A 155 8.49 -14.25 2.40
N GLY A 156 8.89 -15.39 1.85
CA GLY A 156 8.36 -16.67 2.27
C GLY A 156 6.97 -16.95 1.75
N ALA A 157 6.62 -16.40 0.59
CA ALA A 157 5.30 -16.63 0.00
C ALA A 157 5.35 -17.78 -0.99
N SER A 158 4.32 -18.65 -0.96
CA SER A 158 4.18 -19.72 -1.93
C SER A 158 3.28 -19.26 -3.09
N LEU A 159 3.82 -19.26 -4.33
CA LEU A 159 2.98 -18.87 -5.46
C LEU A 159 1.86 -19.89 -5.69
N LYS A 160 2.07 -21.18 -5.35
CA LYS A 160 0.96 -22.13 -5.46
C LYS A 160 -0.19 -21.73 -4.56
N VAL A 161 0.11 -21.36 -3.30
CA VAL A 161 -0.95 -20.90 -2.41
C VAL A 161 -1.61 -19.64 -2.94
N MET A 162 -0.80 -18.68 -3.43
CA MET A 162 -1.39 -17.43 -3.90
C MET A 162 -2.28 -17.68 -5.11
N ALA A 163 -1.88 -18.60 -5.99
CA ALA A 163 -2.73 -18.91 -7.14
C ALA A 163 -4.05 -19.55 -6.69
N SER A 164 -4.00 -20.52 -5.77
CA SER A 164 -5.23 -21.14 -5.28
C SER A 164 -6.16 -20.12 -4.62
N ASP A 165 -5.61 -19.25 -3.78
CA ASP A 165 -6.41 -18.24 -3.08
C ASP A 165 -7.00 -17.26 -4.07
N THR A 166 -6.21 -16.85 -5.08
CA THR A 166 -6.72 -15.93 -6.08
C THR A 166 -7.87 -16.56 -6.88
N GLN A 167 -7.73 -17.84 -7.24
CA GLN A 167 -8.79 -18.51 -7.98
C GLN A 167 -10.07 -18.57 -7.16
N ARG A 168 -9.94 -18.81 -5.86
CA ARG A 168 -11.12 -18.81 -4.98
C ARG A 168 -11.77 -17.43 -4.94
N MET A 169 -10.96 -16.37 -4.97
CA MET A 169 -11.50 -15.00 -4.93
C MET A 169 -12.09 -14.53 -6.26
N ARG A 170 -11.56 -14.96 -7.44
CA ARG A 170 -11.95 -14.39 -8.73
C ARG A 170 -12.81 -15.26 -9.63
N GLY A 171 -12.97 -16.56 -9.35
CA GLY A 171 -13.73 -17.40 -10.27
C GLY A 171 -13.12 -17.47 -11.67
N ASP A 172 -13.86 -17.07 -12.67
CA ASP A 172 -13.33 -17.13 -14.01
C ASP A 172 -12.64 -15.83 -14.42
N ARG A 173 -12.57 -14.80 -13.54
CA ARG A 173 -12.03 -13.50 -13.97
C ARG A 173 -10.51 -13.55 -14.11
N PRO A 174 -9.93 -13.03 -15.20
CA PRO A 174 -8.51 -13.31 -15.49
C PRO A 174 -7.54 -12.57 -14.59
N TRP A 175 -6.38 -13.17 -14.41
CA TRP A 175 -5.29 -12.62 -13.64
C TRP A 175 -4.01 -13.27 -14.17
N THR A 176 -2.89 -12.63 -13.87
CA THR A 176 -1.59 -13.22 -14.18
C THR A 176 -0.56 -12.80 -13.15
N PHE A 177 0.37 -13.71 -12.89
CA PHE A 177 1.62 -13.35 -12.24
C PHE A 177 2.48 -12.56 -13.21
N THR A 178 3.25 -11.61 -12.69
CA THR A 178 4.21 -10.87 -13.51
C THR A 178 5.52 -10.72 -12.75
N ASN A 179 6.57 -10.49 -13.51
CA ASN A 179 7.84 -9.95 -13.02
C ASN A 179 8.13 -8.78 -13.95
N LEU A 180 7.78 -7.58 -13.50
CA LEU A 180 7.92 -6.43 -14.41
C LEU A 180 9.37 -5.97 -14.48
N LYS A 181 10.27 -6.48 -13.62
CA LYS A 181 11.70 -6.27 -13.87
C LYS A 181 12.17 -6.95 -15.14
N GLN A 182 11.68 -8.16 -15.41
CA GLN A 182 12.10 -8.91 -16.58
C GLN A 182 11.12 -8.74 -17.71
N GLY A 183 9.93 -8.21 -17.45
CA GLY A 183 8.91 -8.16 -18.46
C GLY A 183 8.05 -9.41 -18.55
N ASP A 184 8.17 -10.34 -17.59
CA ASP A 184 7.40 -11.57 -17.68
C ASP A 184 5.95 -11.26 -17.42
N GLY A 185 5.07 -11.78 -18.27
CA GLY A 185 3.65 -11.57 -18.11
C GLY A 185 3.13 -10.36 -18.85
N LEU A 186 4.00 -9.60 -19.54
CA LEU A 186 3.50 -8.38 -20.18
C LEU A 186 2.71 -8.67 -21.43
N SER A 187 3.18 -9.59 -22.25
CA SER A 187 2.51 -9.78 -23.53
C SER A 187 1.08 -10.21 -23.32
N THR A 188 0.81 -11.01 -22.28
CA THR A 188 -0.58 -11.42 -22.09
C THR A 188 -1.48 -10.25 -21.70
N ILE A 189 -0.94 -9.28 -20.98
CA ILE A 189 -1.73 -8.12 -20.63
C ILE A 189 -1.98 -7.29 -21.88
N ILE A 190 -0.96 -7.16 -22.72
CA ILE A 190 -1.13 -6.43 -23.97
C ILE A 190 -2.21 -7.08 -24.81
N ALA A 191 -2.20 -8.42 -24.88
CA ALA A 191 -3.23 -9.12 -25.65
C ALA A 191 -4.64 -8.88 -25.08
N PHE A 192 -4.76 -8.87 -23.76
CA PHE A 192 -6.06 -8.61 -23.11
C PHE A 192 -6.55 -7.21 -23.44
N LEU A 193 -5.65 -6.23 -23.41
CA LEU A 193 -6.06 -4.86 -23.74
C LEU A 193 -6.50 -4.75 -25.19
N GLU A 194 -5.74 -5.36 -26.12
CA GLU A 194 -6.11 -5.19 -27.52
C GLU A 194 -7.46 -5.83 -27.81
N ASP A 195 -7.77 -6.92 -27.13
CA ASP A 195 -8.99 -7.70 -27.34
C ASP A 195 -10.20 -7.10 -26.62
N LYS A 196 -10.17 -7.15 -25.27
CA LYS A 196 -11.29 -6.65 -24.47
C LYS A 196 -11.36 -5.12 -24.52
N GLY A 197 -10.26 -4.44 -24.82
CA GLY A 197 -10.37 -3.01 -25.04
C GLY A 197 -10.86 -2.64 -26.41
N MET A 198 -11.01 -3.63 -27.29
CA MET A 198 -11.53 -3.44 -28.65
C MET A 198 -10.75 -2.37 -29.39
N LEU A 199 -9.42 -2.47 -29.31
CA LEU A 199 -8.57 -1.51 -29.97
C LEU A 199 -8.61 -1.72 -31.48
N GLY A 200 -8.57 -0.62 -32.21
CA GLY A 200 -8.62 -0.67 -33.65
C GLY A 200 -10.04 -0.86 -34.15
N HIS B 2 -3.82 4.31 32.85
CA HIS B 2 -4.36 3.80 31.58
C HIS B 2 -3.23 3.58 30.58
N PRO B 3 -3.37 2.59 29.71
CA PRO B 3 -2.24 2.21 28.87
C PRO B 3 -1.92 3.25 27.80
N LEU B 4 -0.65 3.29 27.45
CA LEU B 4 -0.21 4.01 26.27
C LEU B 4 -0.81 3.37 25.03
N ARG B 5 -1.38 4.19 24.15
CA ARG B 5 -1.95 3.69 22.90
C ARG B 5 -0.99 4.00 21.77
N VAL B 6 -0.53 2.96 21.07
CA VAL B 6 0.44 3.13 19.99
C VAL B 6 -0.22 2.69 18.69
N GLY B 7 -0.39 3.64 17.77
CA GLY B 7 -0.96 3.31 16.47
C GLY B 7 0.16 2.94 15.52
N VAL B 8 -0.05 1.85 14.79
CA VAL B 8 0.93 1.39 13.81
C VAL B 8 0.23 1.45 12.46
N GLY B 9 0.71 2.33 11.57
CA GLY B 9 0.08 2.52 10.29
C GLY B 9 1.10 2.30 9.17
N GLY B 10 0.59 2.37 7.95
CA GLY B 10 1.48 2.24 6.78
C GLY B 10 0.75 1.58 5.64
N PRO B 11 1.35 1.60 4.46
CA PRO B 11 0.72 1.00 3.28
C PRO B 11 0.58 -0.52 3.41
N VAL B 12 -0.22 -1.08 2.49
CA VAL B 12 -0.43 -2.53 2.49
C VAL B 12 0.89 -3.27 2.41
N GLY B 13 1.10 -4.22 3.34
CA GLY B 13 2.21 -5.14 3.24
C GLY B 13 3.56 -4.61 3.66
N SER B 14 3.63 -3.44 4.27
CA SER B 14 4.94 -2.88 4.60
C SER B 14 5.63 -3.61 5.74
N GLY B 15 4.90 -4.36 6.60
CA GLY B 15 5.52 -5.08 7.71
C GLY B 15 4.96 -4.65 9.09
N LYS B 16 3.76 -4.05 9.13
CA LYS B 16 3.15 -3.64 10.41
C LYS B 16 2.96 -4.83 11.38
N THR B 17 2.38 -5.92 10.88
CA THR B 17 2.15 -7.11 11.71
C THR B 17 3.47 -7.75 12.12
N ALA B 18 4.41 -7.86 11.17
CA ALA B 18 5.74 -8.34 11.57
C ALA B 18 6.35 -7.46 12.67
N LEU B 19 6.16 -6.14 12.57
CA LEU B 19 6.67 -5.26 13.62
C LEU B 19 5.99 -5.56 14.94
N LEU B 20 4.65 -5.67 14.93
CA LEU B 20 3.94 -5.99 16.17
C LEU B 20 4.41 -7.33 16.75
N GLU B 21 4.58 -8.35 15.90
CA GLU B 21 5.07 -9.63 16.41
C GLU B 21 6.41 -9.46 17.13
N ALA B 22 7.34 -8.74 16.51
CA ALA B 22 8.67 -8.60 17.08
C ALA B 22 8.66 -7.75 18.34
N LEU B 23 7.91 -6.63 18.34
CA LEU B 23 7.83 -5.82 19.55
C LEU B 23 7.18 -6.60 20.70
N CYS B 24 6.11 -7.35 20.41
CA CYS B 24 5.45 -8.11 21.48
C CYS B 24 6.41 -9.15 22.05
N LYS B 25 7.10 -9.89 21.19
CA LYS B 25 7.99 -10.94 21.70
C LYS B 25 9.14 -10.34 22.48
N ALA B 26 9.58 -9.13 22.12
CA ALA B 26 10.68 -8.51 22.85
C ALA B 26 10.23 -7.78 24.12
N MET B 27 9.02 -7.22 24.15
CA MET B 27 8.64 -6.34 25.25
C MET B 27 7.73 -7.02 26.27
N ARG B 28 7.16 -8.18 25.94
CA ARG B 28 6.10 -8.68 26.79
C ARG B 28 6.61 -9.16 28.15
N ASP B 29 7.91 -9.47 28.28
CA ASP B 29 8.44 -9.90 29.58
C ASP B 29 8.68 -8.73 30.53
N THR B 30 8.62 -7.49 30.03
CA THR B 30 8.75 -6.31 30.87
C THR B 30 7.45 -5.56 31.06
N TRP B 31 6.60 -5.51 30.04
CA TRP B 31 5.43 -4.66 30.01
C TRP B 31 4.23 -5.51 29.71
N GLN B 32 3.07 -5.08 30.21
CA GLN B 32 1.80 -5.76 29.94
C GLN B 32 1.20 -5.19 28.66
N LEU B 33 1.00 -6.03 27.64
CA LEU B 33 0.65 -5.61 26.30
C LEU B 33 -0.68 -6.19 25.83
N ALA B 34 -1.28 -5.53 24.85
CA ALA B 34 -2.42 -6.07 24.11
C ALA B 34 -2.40 -5.42 22.73
N VAL B 35 -3.15 -5.98 21.80
CA VAL B 35 -3.12 -5.57 20.40
C VAL B 35 -4.54 -5.56 19.85
N VAL B 36 -4.89 -4.51 19.09
CA VAL B 36 -6.10 -4.46 18.27
C VAL B 36 -5.61 -4.46 16.84
N THR B 37 -6.02 -5.44 16.05
CA THR B 37 -5.66 -5.45 14.63
C THR B 37 -6.85 -4.98 13.80
N ASN B 38 -6.58 -4.31 12.68
CA ASN B 38 -7.65 -3.88 11.77
C ASN B 38 -7.39 -4.44 10.38
N ASP B 39 -8.45 -4.82 9.71
CA ASP B 39 -8.43 -4.96 8.26
C ASP B 39 -9.83 -4.73 7.73
N ILE B 40 -9.93 -4.52 6.43
CA ILE B 40 -11.20 -4.06 5.90
C ILE B 40 -12.22 -5.18 5.89
N TYR B 41 -11.81 -6.38 5.46
CA TYR B 41 -12.75 -7.44 5.13
C TYR B 41 -12.49 -8.71 5.93
N THR B 42 -11.44 -8.76 6.73
CA THR B 42 -11.01 -10.00 7.35
C THR B 42 -10.44 -9.71 8.75
N LYS B 43 -10.32 -10.78 9.54
CA LYS B 43 -9.58 -10.73 10.79
C LYS B 43 -8.25 -11.50 10.70
N GLU B 44 -7.68 -11.57 9.50
CA GLU B 44 -6.50 -12.40 9.27
C GLU B 44 -5.33 -12.01 10.19
N ASP B 45 -5.09 -10.69 10.40
CA ASP B 45 -3.91 -10.35 11.18
C ASP B 45 -4.05 -10.77 12.64
N GLN B 46 -5.28 -10.78 13.16
CA GLN B 46 -5.49 -11.34 14.49
C GLN B 46 -5.04 -12.80 14.54
N ARG B 47 -5.45 -13.58 13.53
CA ARG B 47 -5.06 -15.00 13.45
C ARG B 47 -3.54 -15.17 13.33
N ILE B 48 -2.93 -14.36 12.49
CA ILE B 48 -1.47 -14.44 12.26
C ILE B 48 -0.71 -14.19 13.56
N LEU B 49 -1.05 -13.11 14.28
CA LEU B 49 -0.36 -12.83 15.54
C LEU B 49 -0.63 -13.91 16.59
N THR B 50 -1.86 -14.42 16.64
CA THR B 50 -2.21 -15.43 17.63
C THR B 50 -1.46 -16.73 17.35
N GLU B 51 -1.42 -17.11 16.08
CA GLU B 51 -0.72 -18.35 15.71
C GLU B 51 0.79 -18.24 15.93
N ALA B 52 1.35 -17.05 15.78
CA ALA B 52 2.76 -16.82 16.04
C ALA B 52 3.09 -16.78 17.53
N GLY B 53 2.09 -16.82 18.40
CA GLY B 53 2.35 -16.74 19.82
C GLY B 53 2.89 -15.40 20.27
N THR B 54 2.57 -14.31 19.56
CA THR B 54 3.10 -13.02 20.01
C THR B 54 2.56 -12.65 21.39
N LEU B 55 1.27 -12.89 21.62
CA LEU B 55 0.63 -12.75 22.92
C LEU B 55 -0.43 -13.84 23.06
N ALA B 56 -0.93 -14.01 24.30
CA ALA B 56 -2.05 -14.91 24.51
C ALA B 56 -3.24 -14.48 23.64
N PRO B 57 -4.08 -15.42 23.20
CA PRO B 57 -5.17 -15.07 22.27
C PRO B 57 -6.07 -13.94 22.72
N GLU B 58 -6.47 -13.92 24.00
CA GLU B 58 -7.40 -12.88 24.42
C GLU B 58 -6.72 -11.50 24.52
N ARG B 59 -5.41 -11.43 24.36
CA ARG B 59 -4.77 -10.13 24.31
C ARG B 59 -4.78 -9.55 22.91
N ILE B 60 -5.29 -10.27 21.93
CA ILE B 60 -5.25 -9.82 20.53
C ILE B 60 -6.68 -9.80 20.04
N VAL B 61 -7.15 -8.63 19.61
CA VAL B 61 -8.54 -8.49 19.19
C VAL B 61 -8.53 -8.00 17.75
N GLY B 62 -9.39 -8.56 16.90
CA GLY B 62 -9.53 -8.10 15.53
C GLY B 62 -10.78 -7.27 15.31
N VAL B 63 -10.65 -6.21 14.51
CA VAL B 63 -11.75 -5.38 14.08
C VAL B 63 -11.81 -5.40 12.56
N GLU B 64 -12.98 -5.72 12.01
CA GLU B 64 -13.19 -5.71 10.58
C GLU B 64 -13.92 -4.41 10.30
N THR B 65 -13.26 -3.51 9.58
CA THR B 65 -13.71 -2.12 9.53
C THR B 65 -14.65 -1.82 8.36
N GLY B 66 -14.52 -2.50 7.24
CA GLY B 66 -15.17 -2.03 6.02
C GLY B 66 -14.56 -0.72 5.54
N GLY B 67 -14.95 -0.25 4.35
CA GLY B 67 -14.53 1.08 3.94
C GLY B 67 -13.02 1.28 3.96
N CYS B 68 -12.59 2.52 4.21
CA CYS B 68 -11.18 2.88 4.26
C CYS B 68 -10.61 2.62 5.66
N PRO B 69 -9.39 2.12 5.77
CA PRO B 69 -8.79 1.96 7.11
C PRO B 69 -8.65 3.25 7.87
N HIS B 70 -8.36 4.37 7.19
CA HIS B 70 -8.16 5.61 7.91
C HIS B 70 -9.43 6.08 8.60
N THR B 71 -10.60 5.76 8.04
CA THR B 71 -11.85 6.17 8.70
C THR B 71 -11.92 5.56 10.10
N ALA B 72 -11.50 4.30 10.22
CA ALA B 72 -11.60 3.57 11.47
C ALA B 72 -10.59 4.02 12.52
N ILE B 73 -9.51 4.67 12.11
CA ILE B 73 -8.49 5.11 13.06
C ILE B 73 -8.50 6.61 13.23
N ARG B 74 -9.34 7.33 12.47
CA ARG B 74 -9.29 8.78 12.50
C ARG B 74 -10.67 9.43 12.54
N GLU B 75 -11.39 9.47 11.40
CA GLU B 75 -12.64 10.24 11.33
C GLU B 75 -13.73 9.63 12.23
N ASP B 76 -13.90 8.30 12.22
CA ASP B 76 -14.84 7.68 13.17
C ASP B 76 -14.16 6.45 13.76
N ALA B 77 -13.43 6.69 14.84
CA ALA B 77 -12.67 5.63 15.49
C ALA B 77 -13.47 4.91 16.59
N SER B 78 -14.81 5.04 16.60
CA SER B 78 -15.57 4.53 17.76
C SER B 78 -15.35 3.04 17.99
N MET B 79 -15.30 2.25 16.91
CA MET B 79 -15.15 0.80 17.12
C MET B 79 -13.79 0.46 17.73
N ASN B 80 -12.74 1.07 17.21
CA ASN B 80 -11.40 0.88 17.79
C ASN B 80 -11.35 1.38 19.22
N LEU B 81 -11.92 2.56 19.47
CA LEU B 81 -11.89 3.09 20.82
C LEU B 81 -12.55 2.14 21.80
N ALA B 82 -13.67 1.53 21.39
CA ALA B 82 -14.35 0.60 22.27
C ALA B 82 -13.52 -0.67 22.48
N ALA B 83 -12.87 -1.16 21.42
CA ALA B 83 -12.03 -2.35 21.59
C ALA B 83 -10.84 -2.07 22.52
N VAL B 84 -10.24 -0.89 22.41
CA VAL B 84 -9.14 -0.51 23.30
C VAL B 84 -9.61 -0.41 24.73
N GLU B 85 -10.77 0.20 24.95
CA GLU B 85 -11.35 0.30 26.29
C GLU B 85 -11.71 -1.06 26.88
N ALA B 86 -12.29 -1.96 26.07
CA ALA B 86 -12.59 -3.30 26.58
C ALA B 86 -11.32 -4.08 26.95
N LEU B 87 -10.25 -3.97 26.14
CA LEU B 87 -8.99 -4.64 26.53
C LEU B 87 -8.47 -4.06 27.83
N SER B 88 -8.53 -2.72 27.98
CA SER B 88 -8.04 -2.08 29.19
C SER B 88 -8.82 -2.54 30.41
N GLU B 89 -10.14 -2.65 30.29
CA GLU B 89 -10.93 -3.09 31.45
C GLU B 89 -10.73 -4.58 31.72
N LYS B 90 -10.58 -5.39 30.67
CA LYS B 90 -10.43 -6.84 30.85
C LYS B 90 -9.14 -7.17 31.58
N PHE B 91 -8.04 -6.55 31.19
CA PHE B 91 -6.76 -6.93 31.76
C PHE B 91 -6.37 -6.07 32.94
N GLY B 92 -6.93 -4.88 33.03
CA GLY B 92 -6.80 -4.07 34.20
C GLY B 92 -5.51 -3.29 34.38
N ASN B 93 -4.37 -3.85 33.93
CA ASN B 93 -3.06 -3.28 34.27
C ASN B 93 -2.19 -3.07 33.04
N LEU B 94 -2.78 -2.89 31.85
CA LEU B 94 -1.95 -2.85 30.65
C LEU B 94 -1.06 -1.60 30.66
N ASP B 95 0.15 -1.76 30.14
CA ASP B 95 1.08 -0.66 29.93
C ASP B 95 0.98 -0.08 28.53
N LEU B 96 0.65 -0.90 27.55
CA LEU B 96 0.70 -0.43 26.17
C LEU B 96 -0.26 -1.28 25.35
N ILE B 97 -1.07 -0.64 24.52
CA ILE B 97 -1.94 -1.32 23.57
C ILE B 97 -1.57 -0.83 22.18
N PHE B 98 -1.21 -1.77 21.29
CA PHE B 98 -0.92 -1.45 19.88
C PHE B 98 -2.22 -1.53 19.09
N VAL B 99 -2.37 -0.65 18.08
CA VAL B 99 -3.51 -0.73 17.17
C VAL B 99 -2.91 -0.72 15.78
N GLU B 100 -3.07 -1.82 15.03
CA GLU B 100 -2.57 -1.89 13.66
C GLU B 100 -3.65 -1.45 12.68
N SER B 101 -3.38 -0.40 11.90
CA SER B 101 -4.34 0.00 10.88
C SER B 101 -4.41 -1.03 9.75
N GLY B 102 -5.52 -1.02 9.02
CA GLY B 102 -5.51 -1.63 7.70
C GLY B 102 -4.49 -0.92 6.84
N GLY B 103 -3.89 -1.67 5.91
CA GLY B 103 -2.90 -1.02 5.04
C GLY B 103 -3.60 0.06 4.21
N ASP B 104 -2.92 1.20 4.03
CA ASP B 104 -3.65 2.35 3.45
C ASP B 104 -2.78 3.20 2.54
N ASN B 105 -3.39 4.31 2.08
CA ASN B 105 -2.65 5.25 1.23
C ASN B 105 -1.79 6.20 2.09
N LEU B 106 -0.97 7.04 1.43
CA LEU B 106 0.01 7.85 2.18
C LEU B 106 -0.61 9.04 2.94
N SER B 107 -1.91 9.28 2.81
CA SER B 107 -2.54 10.37 3.56
C SER B 107 -3.08 9.92 4.91
N ALA B 108 -2.97 8.62 5.24
CA ALA B 108 -3.63 8.06 6.43
C ALA B 108 -2.86 8.39 7.71
N THR B 109 -3.59 8.81 8.76
CA THR B 109 -3.02 9.05 10.08
C THR B 109 -4.03 8.61 11.15
N PHE B 110 -3.53 8.43 12.36
CA PHE B 110 -4.38 8.18 13.52
C PHE B 110 -4.88 9.49 14.15
N SER B 111 -6.13 9.49 14.61
CA SER B 111 -6.53 10.60 15.48
C SER B 111 -5.75 10.54 16.80
N PRO B 112 -5.44 11.71 17.39
CA PRO B 112 -4.84 11.73 18.74
C PRO B 112 -5.74 11.08 19.79
N GLU B 113 -7.05 11.05 19.55
CA GLU B 113 -7.92 10.40 20.51
C GLU B 113 -7.61 8.91 20.59
N LEU B 114 -7.22 8.31 19.47
CA LEU B 114 -6.98 6.88 19.47
C LEU B 114 -5.52 6.54 19.74
N ALA B 115 -4.58 7.32 19.21
CA ALA B 115 -3.16 7.01 19.37
C ALA B 115 -2.42 8.10 20.13
N ASP B 116 -1.72 7.71 21.20
CA ASP B 116 -0.83 8.63 21.92
C ASP B 116 0.47 8.84 21.17
N LEU B 117 0.99 7.76 20.57
CA LEU B 117 2.17 7.82 19.74
C LEU B 117 1.83 7.09 18.45
N THR B 118 2.44 7.52 17.34
CA THR B 118 2.23 6.84 16.07
C THR B 118 3.55 6.33 15.50
N ILE B 119 3.52 5.11 15.01
CA ILE B 119 4.61 4.54 14.23
C ILE B 119 4.07 4.35 12.83
N TYR B 120 4.82 4.80 11.83
CA TYR B 120 4.42 4.60 10.45
C TYR B 120 5.47 3.69 9.80
N VAL B 121 5.01 2.68 9.05
CA VAL B 121 5.90 1.66 8.49
C VAL B 121 5.78 1.70 6.97
N ILE B 122 6.88 2.03 6.29
CA ILE B 122 7.00 1.82 4.85
C ILE B 122 8.04 0.72 4.62
N ASP B 123 8.20 0.31 3.35
CA ASP B 123 9.26 -0.66 3.13
C ASP B 123 9.95 -0.40 1.80
N VAL B 124 11.20 -0.86 1.75
CA VAL B 124 12.09 -0.52 0.64
C VAL B 124 11.53 -1.04 -0.68
N ALA B 125 10.84 -2.18 -0.64
CA ALA B 125 10.36 -2.75 -1.91
C ALA B 125 9.24 -1.93 -2.53
N GLU B 126 8.64 -1.01 -1.78
CA GLU B 126 7.70 -0.05 -2.37
C GLU B 126 8.40 0.97 -3.27
N GLY B 127 9.73 1.08 -3.20
CA GLY B 127 10.45 1.97 -4.08
C GLY B 127 11.36 2.93 -3.33
N GLU B 128 12.50 3.21 -3.94
CA GLU B 128 13.43 4.17 -3.38
C GLU B 128 12.78 5.52 -3.10
N LYS B 129 11.79 5.88 -3.92
CA LYS B 129 11.25 7.23 -3.89
C LYS B 129 10.10 7.40 -2.90
N ILE B 130 9.71 6.36 -2.15
CA ILE B 130 8.53 6.50 -1.26
C ILE B 130 8.71 7.59 -0.23
N PRO B 131 9.86 7.74 0.44
CA PRO B 131 9.99 8.86 1.39
C PRO B 131 9.68 10.20 0.73
N ARG B 132 10.12 10.40 -0.51
CA ARG B 132 9.88 11.69 -1.19
C ARG B 132 8.41 11.89 -1.56
N LYS B 133 7.66 10.82 -1.72
CA LYS B 133 6.23 10.97 -2.01
C LYS B 133 5.45 11.48 -0.81
N GLY B 134 6.04 11.45 0.39
CA GLY B 134 5.61 12.36 1.43
C GLY B 134 4.34 11.94 2.15
N GLY B 135 3.69 12.92 2.76
CA GLY B 135 2.51 12.65 3.54
C GLY B 135 2.86 12.65 5.02
N PRO B 136 1.83 12.81 5.87
CA PRO B 136 2.10 12.94 7.32
C PRO B 136 2.64 11.68 8.00
N GLY B 137 2.36 10.47 7.51
CA GLY B 137 3.02 9.30 8.07
C GLY B 137 4.53 9.38 7.93
N ILE B 138 5.00 9.80 6.75
CA ILE B 138 6.43 9.93 6.58
C ILE B 138 6.96 11.15 7.31
N THR B 139 6.25 12.27 7.24
CA THR B 139 6.86 13.52 7.71
C THR B 139 6.62 13.82 9.19
N ARG B 140 5.50 13.38 9.77
CA ARG B 140 5.11 13.84 11.10
C ARG B 140 4.84 12.72 12.10
N SER B 141 4.91 11.45 11.70
CA SER B 141 4.73 10.39 12.69
C SER B 141 5.76 10.52 13.79
N ASP B 142 5.42 10.01 14.97
CA ASP B 142 6.39 10.03 16.06
C ASP B 142 7.63 9.21 15.74
N PHE B 143 7.45 8.13 14.98
CA PHE B 143 8.60 7.30 14.62
C PHE B 143 8.35 6.66 13.26
N LEU B 144 9.30 6.75 12.33
CA LEU B 144 9.15 6.14 11.01
C LEU B 144 10.04 4.91 10.90
N VAL B 145 9.47 3.80 10.41
CA VAL B 145 10.22 2.57 10.17
C VAL B 145 10.31 2.38 8.66
N ILE B 146 11.51 2.16 8.16
CA ILE B 146 11.68 1.80 6.75
C ILE B 146 12.15 0.35 6.75
N ASN B 147 11.23 -0.56 6.46
CA ASN B 147 11.40 -1.99 6.64
C ASN B 147 11.89 -2.67 5.34
N LYS B 148 12.26 -3.94 5.47
CA LYS B 148 12.69 -4.80 4.34
C LYS B 148 13.95 -4.28 3.65
N THR B 149 14.94 -3.83 4.42
CA THR B 149 16.19 -3.39 3.81
C THR B 149 16.88 -4.50 3.03
N ASP B 150 16.60 -5.75 3.37
CA ASP B 150 17.23 -6.84 2.62
C ASP B 150 16.71 -6.93 1.18
N LEU B 151 15.56 -6.30 0.87
CA LEU B 151 15.03 -6.34 -0.49
C LEU B 151 15.59 -5.24 -1.39
N ALA B 152 16.39 -4.30 -0.86
CA ALA B 152 16.92 -3.20 -1.68
C ALA B 152 17.60 -3.67 -2.95
N PRO B 153 18.50 -4.65 -2.94
CA PRO B 153 19.18 -5.00 -4.21
C PRO B 153 18.25 -5.59 -5.27
N TYR B 154 17.14 -6.23 -4.86
CA TYR B 154 16.23 -6.84 -5.82
C TYR B 154 15.30 -5.81 -6.46
N VAL B 155 15.03 -4.70 -5.78
CA VAL B 155 14.19 -3.69 -6.41
C VAL B 155 15.01 -2.54 -6.97
N GLY B 156 16.32 -2.54 -6.75
CA GLY B 156 17.22 -1.52 -7.25
C GLY B 156 17.16 -0.21 -6.49
N ALA B 157 16.85 -0.26 -5.20
CA ALA B 157 16.78 0.91 -4.34
C ALA B 157 18.09 1.12 -3.59
N SER B 158 18.52 2.37 -3.47
CA SER B 158 19.70 2.74 -2.70
C SER B 158 19.27 3.17 -1.30
N LEU B 159 19.75 2.47 -0.26
CA LEU B 159 19.43 2.90 1.11
C LEU B 159 20.07 4.26 1.44
N LYS B 160 21.23 4.55 0.87
CA LYS B 160 21.85 5.87 1.07
C LYS B 160 20.94 6.99 0.57
N VAL B 161 20.40 6.82 -0.63
CA VAL B 161 19.45 7.81 -1.15
C VAL B 161 18.21 7.89 -0.26
N MET B 162 17.66 6.73 0.13
CA MET B 162 16.46 6.78 0.95
C MET B 162 16.72 7.49 2.27
N ALA B 163 17.90 7.25 2.87
CA ALA B 163 18.20 7.90 4.13
C ALA B 163 18.31 9.43 3.93
N SER B 164 18.95 9.85 2.84
CA SER B 164 19.09 11.28 2.59
C SER B 164 17.74 11.94 2.39
N ASP B 165 16.86 11.33 1.58
CA ASP B 165 15.52 11.86 1.36
C ASP B 165 14.71 11.88 2.66
N THR B 166 14.84 10.84 3.48
CA THR B 166 14.09 10.79 4.74
C THR B 166 14.53 11.91 5.66
N GLN B 167 15.83 12.15 5.75
CA GLN B 167 16.31 13.23 6.60
C GLN B 167 15.73 14.57 6.15
N ARG B 168 15.63 14.79 4.85
CA ARG B 168 15.02 16.01 4.33
C ARG B 168 13.52 16.09 4.64
N MET B 169 12.82 14.95 4.60
CA MET B 169 11.37 14.97 4.85
C MET B 169 11.05 15.11 6.32
N ARG B 170 11.88 14.54 7.23
CA ARG B 170 11.57 14.45 8.65
C ARG B 170 12.39 15.33 9.55
N GLY B 171 13.50 15.88 9.07
CA GLY B 171 14.37 16.63 9.97
C GLY B 171 14.95 15.73 11.05
N ASP B 172 14.73 16.11 12.30
CA ASP B 172 15.26 15.39 13.44
C ASP B 172 14.29 14.36 14.00
N ARG B 173 13.11 14.21 13.40
CA ARG B 173 12.15 13.28 13.96
C ARG B 173 12.65 11.87 13.73
N PRO B 174 12.62 11.01 14.75
CA PRO B 174 13.41 9.77 14.70
C PRO B 174 12.85 8.77 13.71
N TRP B 175 13.77 7.94 13.19
CA TRP B 175 13.38 6.88 12.27
C TRP B 175 14.49 5.84 12.27
N THR B 176 14.16 4.66 11.72
CA THR B 176 15.22 3.66 11.58
C THR B 176 14.89 2.75 10.42
N PHE B 177 15.94 2.22 9.79
CA PHE B 177 15.82 1.07 8.91
C PHE B 177 15.59 -0.19 9.74
N THR B 178 14.81 -1.12 9.22
CA THR B 178 14.64 -2.41 9.87
C THR B 178 14.71 -3.52 8.83
N ASN B 179 15.05 -4.72 9.32
CA ASN B 179 14.88 -5.97 8.58
C ASN B 179 14.13 -6.86 9.56
N LEU B 180 12.81 -6.93 9.42
CA LEU B 180 12.02 -7.66 10.40
C LEU B 180 12.01 -9.15 10.14
N LYS B 181 12.50 -9.61 8.97
CA LYS B 181 12.73 -11.04 8.74
C LYS B 181 13.80 -11.54 9.67
N GLN B 182 14.82 -10.72 9.91
CA GLN B 182 15.96 -11.02 10.74
C GLN B 182 15.92 -10.40 12.13
N GLY B 183 15.07 -9.40 12.37
CA GLY B 183 15.06 -8.68 13.63
C GLY B 183 15.95 -7.45 13.78
N ASP B 184 16.60 -7.00 12.70
CA ASP B 184 17.48 -5.83 12.82
C ASP B 184 16.70 -4.53 12.97
N GLY B 185 17.18 -3.64 13.86
CA GLY B 185 16.59 -2.32 14.04
C GLY B 185 15.57 -2.19 15.12
N LEU B 186 15.26 -3.27 15.83
CA LEU B 186 14.18 -3.22 16.81
C LEU B 186 14.58 -2.41 18.04
N SER B 187 15.86 -2.45 18.45
CA SER B 187 16.23 -1.83 19.72
C SER B 187 15.93 -0.33 19.77
N THR B 188 16.08 0.36 18.64
CA THR B 188 15.79 1.79 18.60
C THR B 188 14.32 2.07 18.84
N ILE B 189 13.47 1.25 18.25
CA ILE B 189 12.03 1.42 18.39
C ILE B 189 11.61 1.13 19.82
N ILE B 190 12.16 0.08 20.42
CA ILE B 190 11.81 -0.22 21.82
C ILE B 190 12.24 0.91 22.75
N ALA B 191 13.45 1.43 22.57
CA ALA B 191 13.93 2.51 23.43
C ALA B 191 13.06 3.76 23.28
N PHE B 192 12.61 4.03 22.06
CA PHE B 192 11.71 5.16 21.83
C PHE B 192 10.38 4.95 22.55
N LEU B 193 9.83 3.75 22.48
CA LEU B 193 8.55 3.51 23.16
C LEU B 193 8.71 3.65 24.66
N GLU B 194 9.81 3.12 25.21
CA GLU B 194 9.99 3.18 26.65
C GLU B 194 10.19 4.61 27.13
N ASP B 195 10.88 5.42 26.31
CA ASP B 195 11.18 6.80 26.67
C ASP B 195 10.00 7.74 26.40
N LYS B 196 9.67 7.96 25.11
CA LYS B 196 8.58 8.88 24.79
C LYS B 196 7.23 8.33 25.20
N GLY B 197 7.10 7.02 25.30
CA GLY B 197 5.84 6.47 25.81
C GLY B 197 5.72 6.52 27.32
N MET B 198 6.78 6.93 28.00
CA MET B 198 6.80 7.07 29.45
C MET B 198 6.32 5.81 30.16
N LEU B 199 6.85 4.67 29.72
CA LEU B 199 6.43 3.41 30.32
C LEU B 199 7.00 3.30 31.74
N GLY B 200 6.20 2.73 32.64
CA GLY B 200 6.62 2.59 34.03
C GLY B 200 6.41 3.85 34.87
PG GNP C . 3.26 4.01 -6.28
O1G GNP C . 2.80 4.67 -7.54
O2G GNP C . 2.14 3.36 -5.53
O3G GNP C . 4.12 4.96 -5.47
N3B GNP C . 4.30 2.84 -6.77
PB GNP C . 3.97 1.83 -8.03
O1B GNP C . 3.90 2.62 -9.25
O2B GNP C . 2.88 0.88 -7.72
O3A GNP C . 5.25 0.94 -8.22
PA GNP C . 6.60 1.23 -9.00
O1A GNP C . 6.44 0.93 -10.42
O2A GNP C . 7.14 2.57 -8.65
O5' GNP C . 7.58 0.11 -8.45
C5' GNP C . 7.92 0.08 -7.04
C4' GNP C . 9.23 -0.68 -6.81
O4' GNP C . 9.18 -2.08 -7.23
C3' GNP C . 10.41 -0.11 -7.57
O3' GNP C . 11.56 -0.11 -6.73
C2' GNP C . 10.52 -1.06 -8.78
O2' GNP C . 11.82 -1.19 -9.25
C1' GNP C . 10.23 -2.41 -8.16
N9 GNP C . 9.62 -3.42 -8.99
C8 GNP C . 8.51 -3.28 -9.81
N7 GNP C . 8.15 -4.41 -10.34
C5 GNP C . 9.04 -5.35 -9.86
C6 GNP C . 9.14 -6.75 -10.07
O6 GNP C . 8.42 -7.50 -10.75
N1 GNP C . 10.21 -7.30 -9.37
C2 GNP C . 11.07 -6.58 -8.57
N2 GNP C . 12.09 -7.27 -7.98
N3 GNP C . 10.98 -5.27 -8.37
C4 GNP C . 9.93 -4.74 -9.02
NI NI D . 3.52 4.65 -9.45
NI NI E . -10.04 6.81 1.95
PG GNP F . -1.11 -5.65 5.86
O1G GNP F . -1.91 -6.60 5.00
O2G GNP F . -1.58 -5.62 7.29
O3G GNP F . -1.08 -4.31 5.32
N3B GNP F . 0.42 -6.17 5.90
PB GNP F . 1.59 -5.76 6.95
O1B GNP F . 2.04 -4.41 6.74
O2B GNP F . 1.16 -6.09 8.30
O3A GNP F . 2.84 -6.67 6.63
PA GNP F . 3.19 -8.14 7.10
O1A GNP F . 2.04 -9.01 6.92
O2A GNP F . 3.83 -8.08 8.43
O5' GNP F . 4.41 -8.50 6.12
C5' GNP F . 4.11 -8.55 4.69
C4' GNP F . 5.08 -9.53 4.02
O4' GNP F . 6.44 -9.07 4.22
C3' GNP F . 5.09 -10.94 4.66
O3' GNP F . 5.28 -11.92 3.62
C2' GNP F . 6.28 -10.89 5.62
O2' GNP F . 6.96 -12.15 5.77
C1' GNP F . 7.27 -10.07 4.83
N9 GNP F . 8.26 -9.30 5.56
C8 GNP F . 8.01 -8.37 6.60
N7 GNP F . 9.08 -7.73 6.98
C5 GNP F . 10.09 -8.19 6.12
C6 GNP F . 11.47 -7.84 6.00
O6 GNP F . 12.10 -7.02 6.67
N1 GNP F . 12.15 -8.56 5.00
C2 GNP F . 11.55 -9.50 4.21
N2 GNP F . 12.32 -10.10 3.28
N3 GNP F . 10.26 -9.82 4.30
C4 GNP F . 9.59 -9.14 5.25
NI NI G . -0.75 -6.65 8.94
#